data_1W2K
#
_entry.id   1W2K
#
_cell.length_a   71.874
_cell.length_b   82.638
_cell.length_c   123.722
_cell.angle_alpha   90.00
_cell.angle_beta   90.00
_cell.angle_gamma   90.00
#
_symmetry.space_group_name_H-M   'P 21 21 21'
#
loop_
_entity.id
_entity.type
_entity.pdbx_description
1 polymer 'BLOOD COAGULATION FACTOR VIIA'
2 polymer 'BLOOD COAGULATION FACTOR VIIA'
3 polymer 'TISSUE FACTOR'
4 non-polymer (2R)-2-({4-[AMINO(IMINO)METHYL]PHENYL}AMINO)-N-BENZYL-2-(3,4-DIMETHOXYPHENYL)ACETAMIDE
5 non-polymer 'CALCIUM ION'
6 non-polymer 'CACODYLATE ION'
7 non-polymer alpha-L-fucopyranose
8 non-polymer beta-D-glucopyranose
9 water water
#
loop_
_entity_poly.entity_id
_entity_poly.type
_entity_poly.pdbx_seq_one_letter_code
_entity_poly.pdbx_strand_id
1 'polypeptide(L)'
;IVGGKVCPKGECPWQVLLLVNGAQLCGGTLINTIWVVSAAHCFDKIKNWRNLIAVLGEHDLSEHDGDEQSRRVAQVIIPS
TYVPGTTNHDIALLRLHQPVVLTDHVVPLCLPERTFSERTLAFVRFSLVSGWGQLLDRGATALELMVLNVPRLMTQDCLQ
QSRKVGDSPNITEYMFCAGYSDGSKDSCKGDSGGPHATHYRGTWYLTGIVSWGQGCATVGHFGVYTRVSQYIEWLQKLMR
SEPRPGVLLRAPFP
;
H
2 'polypeptide(L)'
;ANAFL(CGU)(CGU)LRPGSL(CGU)R(CGU)CK(CGU)(CGU)QCSF(CGU)(CGU)AR(CGU)IFKDAERTKLFWISY
SDGDQCASSPCQNGGSCKDQLQSYICFCLPAFEGRNCETHKDDQLICVNENGGCEQYCSDHTGTKRSCRCHEGYSLLADG
VSCTPTVEYPCGKIPILE
;
L
3 'polypeptide(L)'
;SGTTNTVAAYNLTWKSTNFKTILEWEPKPVNQVYTVQISTKSGDWKSKCFYTTDTECDLTDEIVKDVKQTYLARVFSYPA
GNVESTGSAGEPLYENSPEFTPYLETNLGQPTIQSFEQVGTKVNVTVEDERTLVRRNNTFLSLRDVFGKDLIYTLYYWKS
SSSGKKTAKTNTNEFLIDVDKGENYCFSVQAVIPSRTVNRKSTDSPVECM
;
T
#
# COMPACT_ATOMS: atom_id res chain seq x y z
N ILE A 1 -1.15 -24.00 -12.89
CA ILE A 1 -1.52 -23.16 -11.72
C ILE A 1 -1.69 -24.01 -10.46
N VAL A 2 -1.29 -23.46 -9.33
CA VAL A 2 -1.39 -24.17 -8.06
C VAL A 2 -2.17 -23.36 -7.04
N GLY A 3 -3.34 -23.86 -6.67
CA GLY A 3 -4.15 -23.17 -5.68
C GLY A 3 -4.98 -22.04 -6.25
N GLY A 4 -5.27 -22.10 -7.54
CA GLY A 4 -6.07 -21.06 -8.17
C GLY A 4 -7.44 -21.62 -8.48
N LYS A 5 -8.09 -21.07 -9.50
CA LYS A 5 -9.42 -21.55 -9.89
C LYS A 5 -9.65 -21.48 -11.40
N VAL A 6 -10.71 -22.12 -11.88
CA VAL A 6 -11.02 -22.12 -13.30
C VAL A 6 -11.45 -20.76 -13.83
N CYS A 7 -10.66 -20.18 -14.74
CA CYS A 7 -11.07 -18.89 -15.30
C CYS A 7 -12.37 -19.18 -16.03
N PRO A 8 -13.47 -18.55 -15.63
CA PRO A 8 -14.73 -18.84 -16.33
C PRO A 8 -14.53 -18.62 -17.83
N LYS A 9 -15.11 -19.49 -18.66
CA LYS A 9 -14.95 -19.35 -20.10
C LYS A 9 -15.16 -17.92 -20.59
N GLY A 10 -14.10 -17.29 -21.07
CA GLY A 10 -14.21 -15.93 -21.56
C GLY A 10 -13.56 -14.86 -20.71
N GLU A 11 -13.33 -15.15 -19.44
CA GLU A 11 -12.74 -14.16 -18.56
C GLU A 11 -11.21 -14.12 -18.62
N CYS A 12 -10.65 -14.75 -19.65
CA CYS A 12 -9.21 -14.79 -19.88
C CYS A 12 -9.02 -14.88 -21.39
N PRO A 13 -9.64 -13.95 -22.13
CA PRO A 13 -9.66 -13.80 -23.58
C PRO A 13 -8.36 -13.47 -24.32
N TRP A 14 -7.28 -13.24 -23.60
CA TRP A 14 -6.00 -12.94 -24.23
C TRP A 14 -5.05 -14.12 -24.01
N GLN A 15 -5.45 -15.02 -23.13
CA GLN A 15 -4.65 -16.19 -22.83
C GLN A 15 -4.50 -16.96 -24.12
N VAL A 16 -3.27 -17.37 -24.44
CA VAL A 16 -3.02 -18.13 -25.65
C VAL A 16 -2.44 -19.48 -25.28
N LEU A 17 -2.54 -20.46 -26.18
CA LEU A 17 -1.96 -21.79 -25.96
C LEU A 17 -1.01 -22.10 -27.11
N LEU A 18 0.20 -22.53 -26.80
CA LEU A 18 1.17 -22.86 -27.84
C LEU A 18 1.34 -24.36 -28.01
N LEU A 19 1.30 -24.82 -29.26
CA LEU A 19 1.45 -26.24 -29.56
C LEU A 19 2.53 -26.48 -30.60
N VAL A 20 3.29 -27.56 -30.40
CA VAL A 20 4.33 -27.97 -31.34
C VAL A 20 3.96 -29.37 -31.80
N ASN A 21 3.83 -29.55 -33.10
CA ASN A 21 3.48 -30.85 -33.63
C ASN A 21 2.29 -31.34 -32.83
N GLY A 22 1.29 -30.48 -32.68
CA GLY A 22 0.09 -30.82 -31.94
C GLY A 22 0.36 -31.31 -30.53
N ALA A 23 1.06 -30.50 -29.74
CA ALA A 23 1.39 -30.86 -28.35
C ALA A 23 1.45 -29.60 -27.48
N GLN A 24 0.75 -29.59 -26.35
CA GLN A 24 0.80 -28.42 -25.48
C GLN A 24 2.28 -28.10 -25.28
N LEU A 25 2.64 -26.82 -25.32
CA LEU A 25 4.02 -26.39 -25.15
C LEU A 25 4.22 -25.28 -24.12
N CYS A 26 3.38 -24.24 -24.22
CA CYS A 26 3.46 -23.09 -23.33
C CYS A 26 2.25 -22.20 -23.48
N GLY A 27 2.15 -21.20 -22.61
CA GLY A 27 1.05 -20.27 -22.69
C GLY A 27 1.53 -19.02 -23.41
N GLY A 28 0.59 -18.17 -23.82
CA GLY A 28 0.99 -16.95 -24.50
C GLY A 28 0.05 -15.84 -24.12
N THR A 29 0.25 -14.64 -24.67
CA THR A 29 -0.62 -13.51 -24.38
C THR A 29 -0.81 -12.65 -25.61
N LEU A 30 -2.04 -12.57 -26.08
CA LEU A 30 -2.36 -11.78 -27.28
C LEU A 30 -2.35 -10.28 -27.01
N ILE A 31 -1.49 -9.53 -27.69
CA ILE A 31 -1.47 -8.08 -27.48
C ILE A 31 -2.00 -7.29 -28.68
N ASN A 32 -2.66 -8.01 -29.58
CA ASN A 32 -3.29 -7.47 -30.80
C ASN A 32 -3.48 -8.62 -31.79
N THR A 33 -4.40 -8.45 -32.73
CA THR A 33 -4.71 -9.48 -33.72
C THR A 33 -3.60 -10.35 -34.32
N ILE A 34 -2.39 -9.84 -34.49
CA ILE A 34 -1.36 -10.68 -35.09
C ILE A 34 -0.09 -10.93 -34.28
N TRP A 35 0.00 -10.34 -33.11
CA TRP A 35 1.18 -10.55 -32.27
C TRP A 35 0.85 -11.19 -30.94
N VAL A 36 1.67 -12.15 -30.55
CA VAL A 36 1.52 -12.84 -29.27
C VAL A 36 2.84 -12.76 -28.51
N VAL A 37 2.75 -12.48 -27.21
CA VAL A 37 3.93 -12.37 -26.36
C VAL A 37 3.98 -13.62 -25.50
N SER A 38 5.13 -14.29 -25.50
CA SER A 38 5.30 -15.50 -24.71
C SER A 38 6.68 -15.54 -24.08
N ALA A 39 7.09 -16.70 -23.58
CA ALA A 39 8.40 -16.84 -22.94
C ALA A 39 9.46 -17.41 -23.88
N ALA A 40 10.70 -16.93 -23.73
CA ALA A 40 11.79 -17.38 -24.56
C ALA A 40 12.18 -18.86 -24.37
N HIS A 41 12.40 -19.26 -23.12
CA HIS A 41 12.79 -20.64 -22.85
C HIS A 41 11.78 -21.65 -23.39
N CYS A 42 10.62 -21.17 -23.81
CA CYS A 42 9.60 -22.06 -24.34
C CYS A 42 10.03 -22.67 -25.67
N PHE A 43 10.94 -22.00 -26.35
CA PHE A 43 11.42 -22.48 -27.64
C PHE A 43 12.85 -23.03 -27.61
N ASP A 44 13.34 -23.31 -26.41
CA ASP A 44 14.68 -23.84 -26.20
C ASP A 44 14.98 -25.14 -26.96
N LYS A 45 14.02 -26.05 -26.99
CA LYS A 45 14.25 -27.33 -27.66
C LYS A 45 13.39 -27.59 -28.90
N ILE A 46 12.80 -26.54 -29.46
CA ILE A 46 11.99 -26.70 -30.67
C ILE A 46 12.87 -27.21 -31.80
N LYS A 47 12.27 -27.94 -32.73
CA LYS A 47 13.01 -28.48 -33.87
C LYS A 47 12.30 -28.15 -35.18
N ASN A 48 10.99 -28.40 -35.22
CA ASN A 48 10.19 -28.13 -36.41
C ASN A 48 9.52 -26.77 -36.30
N TRP A 49 10.27 -25.71 -36.57
CA TRP A 49 9.75 -24.35 -36.49
C TRP A 49 8.61 -24.05 -37.44
N ARG A 50 8.17 -25.05 -38.20
CA ARG A 50 7.06 -24.84 -39.12
C ARG A 50 5.83 -25.51 -38.56
N ASN A 51 5.95 -26.04 -37.36
CA ASN A 51 4.84 -26.74 -36.73
C ASN A 51 4.35 -26.05 -35.45
N LEU A 52 4.59 -24.76 -35.34
CA LEU A 52 4.17 -23.99 -34.18
C LEU A 52 2.78 -23.41 -34.42
N ILE A 53 1.85 -23.71 -33.51
CA ILE A 53 0.48 -23.22 -33.61
C ILE A 53 0.06 -22.41 -32.39
N ALA A 54 -0.70 -21.35 -32.62
CA ALA A 54 -1.20 -20.52 -31.53
C ALA A 54 -2.72 -20.70 -31.49
N VAL A 55 -3.28 -20.92 -30.30
CA VAL A 55 -4.73 -21.11 -30.20
C VAL A 55 -5.38 -20.11 -29.26
N LEU A 56 -6.33 -19.35 -29.78
CA LEU A 56 -7.02 -18.35 -28.98
C LEU A 56 -8.44 -18.76 -28.61
N GLY A 57 -9.01 -18.08 -27.62
CA GLY A 57 -10.35 -18.42 -27.20
C GLY A 57 -10.46 -19.88 -26.78
N GLU A 58 -9.36 -20.43 -26.27
CA GLU A 58 -9.34 -21.81 -25.81
C GLU A 58 -9.67 -21.81 -24.31
N HIS A 59 -10.19 -22.92 -23.82
CA HIS A 59 -10.54 -23.00 -22.41
C HIS A 59 -10.49 -24.43 -21.89
N ASP A 60 -11.35 -25.28 -22.45
CA ASP A 60 -11.43 -26.68 -22.06
C ASP A 60 -10.72 -27.51 -23.10
N LEU A 61 -9.48 -27.89 -22.82
CA LEU A 61 -8.70 -28.68 -23.77
C LEU A 61 -9.35 -30.00 -24.15
N SER A 62 -10.47 -30.34 -23.51
CA SER A 62 -11.13 -31.60 -23.84
C SER A 62 -12.40 -31.39 -24.64
N GLU A 63 -12.65 -30.17 -25.09
CA GLU A 63 -13.85 -29.91 -25.88
C GLU A 63 -13.61 -28.85 -26.95
N HIS A 64 -14.25 -29.02 -28.09
CA HIS A 64 -14.10 -28.09 -29.18
C HIS A 64 -15.34 -27.27 -29.44
N ASP A 65 -15.18 -25.95 -29.58
CA ASP A 65 -16.31 -25.08 -29.85
C ASP A 65 -15.93 -23.99 -30.85
N GLY A 66 -16.93 -23.32 -31.39
CA GLY A 66 -16.71 -22.28 -32.39
C GLY A 66 -15.87 -21.11 -31.93
N ASP A 67 -15.54 -21.07 -30.64
CA ASP A 67 -14.74 -19.98 -30.10
C ASP A 67 -13.25 -20.22 -30.21
N GLU A 68 -12.88 -21.38 -30.72
CA GLU A 68 -11.47 -21.72 -30.87
C GLU A 68 -10.94 -21.18 -32.19
N GLN A 69 -9.80 -20.50 -32.14
CA GLN A 69 -9.17 -19.97 -33.34
C GLN A 69 -7.70 -20.32 -33.34
N SER A 70 -7.30 -21.24 -34.21
CA SER A 70 -5.90 -21.65 -34.28
C SER A 70 -5.20 -20.80 -35.33
N ARG A 71 -3.90 -20.62 -35.17
CA ARG A 71 -3.09 -19.84 -36.12
C ARG A 71 -1.66 -20.36 -36.09
N ARG A 72 -1.02 -20.40 -37.25
CA ARG A 72 0.36 -20.86 -37.34
C ARG A 72 1.26 -19.68 -36.98
N VAL A 73 2.37 -19.96 -36.30
CA VAL A 73 3.30 -18.90 -35.90
C VAL A 73 4.31 -18.71 -37.02
N ALA A 74 4.27 -17.56 -37.66
CA ALA A 74 5.18 -17.26 -38.76
C ALA A 74 6.59 -16.98 -38.28
N GLN A 75 6.70 -16.16 -37.24
CA GLN A 75 8.00 -15.77 -36.71
C GLN A 75 8.05 -15.76 -35.18
N VAL A 76 9.16 -16.26 -34.64
CA VAL A 76 9.38 -16.29 -33.20
C VAL A 76 10.63 -15.47 -32.92
N ILE A 77 10.44 -14.29 -32.34
CA ILE A 77 11.55 -13.38 -32.06
C ILE A 77 11.98 -13.41 -30.59
N ILE A 78 13.29 -13.48 -30.38
CA ILE A 78 13.89 -13.53 -29.06
C ILE A 78 15.06 -12.54 -28.95
N PRO A 79 15.22 -11.90 -27.77
CA PRO A 79 16.31 -10.94 -27.60
C PRO A 79 17.63 -11.66 -27.80
N SER A 80 18.55 -11.06 -28.54
CA SER A 80 19.83 -11.72 -28.79
C SER A 80 20.64 -11.86 -27.51
N THR A 81 20.15 -11.30 -26.41
CA THR A 81 20.85 -11.36 -25.14
C THR A 81 20.39 -12.59 -24.35
N TYR A 82 19.43 -13.33 -24.89
CA TYR A 82 18.90 -14.51 -24.22
C TYR A 82 19.74 -15.78 -24.49
N VAL A 83 20.02 -16.51 -23.42
CA VAL A 83 20.80 -17.74 -23.52
C VAL A 83 19.97 -18.96 -23.14
N PRO A 84 19.69 -19.85 -24.10
CA PRO A 84 18.90 -21.06 -23.87
C PRO A 84 19.38 -21.77 -22.62
N GLY A 85 18.45 -22.30 -21.85
CA GLY A 85 18.83 -23.00 -20.64
C GLY A 85 19.00 -22.08 -19.46
N THR A 86 19.07 -20.77 -19.70
CA THR A 86 19.24 -19.81 -18.62
C THR A 86 17.94 -19.04 -18.36
N THR A 87 17.95 -18.11 -17.40
CA THR A 87 16.72 -17.37 -17.07
C THR A 87 16.53 -15.91 -17.53
N ASN A 88 17.57 -15.10 -17.50
CA ASN A 88 17.44 -13.69 -17.89
C ASN A 88 16.90 -13.47 -19.30
N HIS A 89 16.19 -12.36 -19.47
CA HIS A 89 15.61 -11.99 -20.77
C HIS A 89 14.72 -13.11 -21.30
N ASP A 90 13.79 -13.57 -20.48
CA ASP A 90 12.90 -14.64 -20.88
C ASP A 90 11.64 -14.08 -21.53
N ILE A 91 11.80 -13.57 -22.75
CA ILE A 91 10.67 -12.99 -23.48
C ILE A 91 10.79 -13.32 -24.95
N ALA A 92 9.65 -13.53 -25.60
CA ALA A 92 9.63 -13.86 -27.02
C ALA A 92 8.39 -13.21 -27.63
N LEU A 93 8.56 -12.71 -28.85
CA LEU A 93 7.49 -12.05 -29.57
C LEU A 93 7.15 -12.94 -30.76
N LEU A 94 5.94 -13.49 -30.79
CA LEU A 94 5.53 -14.37 -31.88
C LEU A 94 4.57 -13.68 -32.83
N ARG A 95 4.87 -13.74 -34.12
CA ARG A 95 4.01 -13.14 -35.14
C ARG A 95 3.16 -14.25 -35.71
N LEU A 96 1.86 -14.01 -35.83
CA LEU A 96 0.98 -15.03 -36.35
C LEU A 96 0.96 -14.98 -37.88
N HIS A 97 0.65 -16.10 -38.51
CA HIS A 97 0.59 -16.14 -39.97
C HIS A 97 -0.60 -15.35 -40.46
N GLN A 98 -1.65 -15.31 -39.66
CA GLN A 98 -2.86 -14.62 -40.04
C GLN A 98 -3.55 -14.02 -38.83
N PRO A 99 -4.01 -12.76 -38.95
CA PRO A 99 -4.68 -12.12 -37.83
C PRO A 99 -5.81 -12.99 -37.30
N VAL A 100 -6.20 -12.77 -36.06
CA VAL A 100 -7.31 -13.53 -35.51
C VAL A 100 -8.52 -12.62 -35.55
N VAL A 101 -9.69 -13.19 -35.25
CA VAL A 101 -10.91 -12.42 -35.25
C VAL A 101 -11.22 -12.08 -33.79
N LEU A 102 -11.32 -10.79 -33.51
CA LEU A 102 -11.62 -10.35 -32.15
C LEU A 102 -13.11 -10.60 -31.91
N THR A 103 -13.39 -11.39 -30.87
CA THR A 103 -14.76 -11.75 -30.52
C THR A 103 -14.95 -11.58 -29.02
N ASP A 104 -16.04 -12.13 -28.50
CA ASP A 104 -16.31 -12.04 -27.07
C ASP A 104 -15.35 -12.93 -26.33
N HIS A 105 -14.81 -13.94 -27.01
CA HIS A 105 -13.89 -14.87 -26.39
C HIS A 105 -12.44 -14.69 -26.82
N VAL A 106 -12.17 -13.66 -27.60
CA VAL A 106 -10.82 -13.41 -28.07
C VAL A 106 -10.55 -11.91 -28.16
N VAL A 107 -9.99 -11.37 -27.08
CA VAL A 107 -9.66 -9.96 -26.99
C VAL A 107 -8.22 -9.83 -26.49
N PRO A 108 -7.43 -8.93 -27.08
CA PRO A 108 -6.03 -8.72 -26.70
C PRO A 108 -5.88 -8.01 -25.37
N LEU A 109 -4.75 -8.25 -24.69
CA LEU A 109 -4.43 -7.61 -23.42
C LEU A 109 -3.62 -6.37 -23.83
N CYS A 110 -3.75 -5.26 -23.12
CA CYS A 110 -2.98 -4.07 -23.52
C CYS A 110 -1.50 -4.13 -23.17
N LEU A 111 -0.68 -3.56 -24.03
CA LEU A 111 0.74 -3.47 -23.74
C LEU A 111 0.79 -2.06 -23.18
N PRO A 112 1.31 -1.89 -21.95
CA PRO A 112 1.35 -0.55 -21.38
C PRO A 112 2.54 0.26 -21.85
N GLU A 113 2.56 1.54 -21.49
CA GLU A 113 3.68 2.40 -21.81
C GLU A 113 4.66 2.15 -20.67
N ARG A 114 5.95 2.23 -20.96
CA ARG A 114 6.94 1.96 -19.93
C ARG A 114 6.75 2.67 -18.60
N THR A 115 6.78 4.00 -18.59
CA THR A 115 6.63 4.74 -17.33
C THR A 115 5.32 4.46 -16.57
N PHE A 116 4.22 4.32 -17.29
CA PHE A 116 2.94 4.04 -16.64
C PHE A 116 3.04 2.70 -15.93
N SER A 117 3.76 1.78 -16.54
CA SER A 117 3.93 0.44 -15.98
C SER A 117 4.89 0.40 -14.81
N GLU A 118 5.94 1.22 -14.88
CA GLU A 118 6.95 1.26 -13.83
C GLU A 118 6.52 2.09 -12.63
N ARG A 119 5.88 3.20 -12.91
CA ARG A 119 5.44 4.17 -11.91
C ARG A 119 4.08 3.91 -11.29
N THR A 120 3.22 3.18 -11.98
CA THR A 120 1.87 2.92 -11.47
C THR A 120 1.51 1.44 -11.34
N LEU A 121 1.34 0.77 -12.48
CA LEU A 121 1.00 -0.64 -12.50
C LEU A 121 1.86 -1.46 -11.55
N ALA A 122 3.14 -1.12 -11.48
CA ALA A 122 4.07 -1.83 -10.62
C ALA A 122 3.64 -1.85 -9.16
N PHE A 123 2.79 -0.92 -8.76
CA PHE A 123 2.36 -0.86 -7.37
C PHE A 123 0.96 -1.36 -7.04
N VAL A 124 0.26 -1.84 -8.06
CA VAL A 124 -1.04 -2.45 -7.84
C VAL A 124 -0.57 -3.75 -7.19
N ARG A 125 -0.96 -4.01 -5.95
CA ARG A 125 -0.47 -5.22 -5.29
C ARG A 125 -0.73 -6.56 -5.99
N PHE A 126 -1.98 -6.82 -6.38
CA PHE A 126 -2.31 -8.09 -7.00
C PHE A 126 -2.42 -8.10 -8.52
N SER A 127 -2.24 -9.29 -9.09
CA SER A 127 -2.34 -9.53 -10.52
C SER A 127 -2.75 -11.00 -10.75
N LEU A 128 -3.16 -11.31 -11.98
CA LEU A 128 -3.59 -12.66 -12.31
C LEU A 128 -2.72 -13.43 -13.29
N VAL A 129 -2.25 -14.60 -12.87
CA VAL A 129 -1.45 -15.46 -13.75
C VAL A 129 -2.34 -16.65 -14.07
N SER A 130 -2.26 -17.13 -15.30
CA SER A 130 -3.10 -18.25 -15.73
C SER A 130 -2.46 -19.18 -16.77
N GLY A 131 -3.16 -20.27 -17.06
CA GLY A 131 -2.70 -21.26 -18.01
C GLY A 131 -3.27 -22.65 -17.72
N TRP A 132 -2.84 -23.63 -18.50
CA TRP A 132 -3.29 -25.01 -18.38
C TRP A 132 -2.22 -25.92 -17.77
N GLY A 133 -1.28 -25.31 -17.05
CA GLY A 133 -0.20 -26.08 -16.44
C GLY A 133 -0.56 -26.96 -15.26
N GLN A 134 0.47 -27.45 -14.59
CA GLN A 134 0.33 -28.33 -13.43
C GLN A 134 -0.51 -27.75 -12.29
N LEU A 135 -1.28 -28.62 -11.65
CA LEU A 135 -2.13 -28.24 -10.53
C LEU A 135 -1.39 -28.54 -9.23
N LEU A 136 -0.27 -29.25 -9.37
CA LEU A 136 0.59 -29.63 -8.25
C LEU A 136 2.01 -29.81 -8.77
N ASP A 137 2.98 -29.36 -7.97
CA ASP A 137 4.39 -29.44 -8.34
C ASP A 137 4.70 -30.70 -9.14
N ARG A 138 4.32 -31.85 -8.61
CA ARG A 138 4.56 -33.13 -9.27
C ARG A 138 3.48 -33.48 -10.30
N GLY A 139 2.22 -33.25 -9.94
CA GLY A 139 1.09 -33.55 -10.80
C GLY A 139 1.15 -33.22 -12.29
N ALA A 140 0.00 -33.39 -12.96
CA ALA A 140 -0.12 -33.14 -14.40
C ALA A 140 -0.79 -31.81 -14.74
N THR A 141 -0.94 -31.54 -16.03
CA THR A 141 -1.55 -30.32 -16.51
C THR A 141 -3.04 -30.27 -16.22
N ALA A 142 -3.69 -29.15 -16.57
CA ALA A 142 -5.12 -28.98 -16.34
C ALA A 142 -5.90 -28.85 -17.64
N LEU A 143 -7.10 -29.46 -17.65
CA LEU A 143 -7.97 -29.45 -18.82
C LEU A 143 -8.70 -28.12 -19.05
N GLU A 144 -9.12 -27.48 -17.97
CA GLU A 144 -9.79 -26.19 -18.07
C GLU A 144 -8.85 -25.07 -17.64
N LEU A 145 -8.87 -23.97 -18.38
CA LEU A 145 -8.02 -22.83 -18.10
C LEU A 145 -8.07 -22.44 -16.63
N MET A 146 -6.91 -22.40 -15.98
CA MET A 146 -6.86 -22.04 -14.56
C MET A 146 -6.32 -20.61 -14.40
N VAL A 147 -6.73 -19.94 -13.32
CA VAL A 147 -6.29 -18.58 -13.06
C VAL A 147 -6.00 -18.44 -11.59
N LEU A 148 -5.16 -17.48 -11.25
CA LEU A 148 -4.78 -17.25 -9.86
C LEU A 148 -4.43 -15.79 -9.61
N ASN A 149 -4.67 -15.35 -8.38
CA ASN A 149 -4.37 -13.99 -8.01
C ASN A 149 -3.13 -14.00 -7.13
N VAL A 150 -2.10 -13.28 -7.53
CA VAL A 150 -0.87 -13.23 -6.74
C VAL A 150 -0.39 -11.81 -6.49
N PRO A 151 0.24 -11.58 -5.34
CA PRO A 151 0.78 -10.29 -4.90
C PRO A 151 2.19 -10.10 -5.47
N ARG A 152 2.56 -8.86 -5.75
CA ARG A 152 3.88 -8.60 -6.28
C ARG A 152 4.78 -8.10 -5.19
N LEU A 153 6.07 -8.43 -5.29
CA LEU A 153 7.05 -7.98 -4.31
C LEU A 153 8.16 -7.27 -5.04
N MET A 154 8.83 -6.35 -4.35
CA MET A 154 9.96 -5.68 -4.96
C MET A 154 11.13 -6.66 -4.77
N THR A 155 12.00 -6.73 -5.76
CA THR A 155 13.12 -7.65 -5.69
C THR A 155 13.79 -7.73 -4.32
N GLN A 156 14.09 -6.59 -3.70
CA GLN A 156 14.74 -6.64 -2.40
C GLN A 156 14.00 -7.57 -1.42
N ASP A 157 12.71 -7.32 -1.21
CA ASP A 157 11.94 -8.15 -0.29
C ASP A 157 11.93 -9.61 -0.75
N CYS A 158 11.72 -9.82 -2.04
CA CYS A 158 11.68 -11.17 -2.59
C CYS A 158 12.91 -11.95 -2.15
N LEU A 159 14.04 -11.26 -2.07
CA LEU A 159 15.30 -11.88 -1.67
C LEU A 159 15.37 -12.15 -0.17
N GLN A 160 15.12 -11.13 0.63
CA GLN A 160 15.18 -11.33 2.07
C GLN A 160 14.25 -12.46 2.43
N GLN A 161 13.04 -12.41 1.91
CA GLN A 161 12.03 -13.40 2.21
C GLN A 161 12.17 -14.75 1.52
N SER A 162 13.24 -14.92 0.74
CA SER A 162 13.47 -16.18 0.05
C SER A 162 14.64 -16.96 0.66
N ARG A 163 14.55 -18.28 0.60
CA ARG A 163 15.59 -19.14 1.14
C ARG A 163 16.73 -19.29 0.14
N LYS A 164 17.95 -19.32 0.64
CA LYS A 164 19.15 -19.44 -0.19
C LYS A 164 19.29 -20.85 -0.76
N SER A 168 21.39 -21.51 -8.18
CA SER A 168 20.14 -20.87 -8.58
C SER A 168 20.38 -19.46 -9.12
N PRO A 169 19.66 -19.09 -10.18
CA PRO A 169 19.74 -17.78 -10.84
C PRO A 169 19.46 -16.63 -9.89
N ASN A 170 19.92 -15.44 -10.26
CA ASN A 170 19.70 -14.26 -9.45
C ASN A 170 18.52 -13.50 -10.02
N ILE A 171 17.82 -12.76 -9.17
CA ILE A 171 16.69 -11.98 -9.63
C ILE A 171 17.27 -10.72 -10.26
N THR A 172 17.41 -10.71 -11.59
CA THR A 172 17.96 -9.56 -12.28
C THR A 172 16.93 -8.46 -12.33
N GLU A 173 17.25 -7.38 -13.04
CA GLU A 173 16.33 -6.25 -13.15
C GLU A 173 15.34 -6.49 -14.30
N TYR A 174 15.43 -7.66 -14.93
CA TYR A 174 14.56 -8.00 -16.04
C TYR A 174 13.49 -9.00 -15.63
N MET A 175 13.29 -9.10 -14.31
CA MET A 175 12.31 -10.00 -13.74
C MET A 175 11.92 -9.47 -12.36
N PHE A 176 10.76 -9.90 -11.87
CA PHE A 176 10.25 -9.50 -10.55
C PHE A 176 9.51 -10.70 -9.98
N CYS A 177 9.35 -10.74 -8.66
CA CYS A 177 8.65 -11.88 -8.05
C CYS A 177 7.20 -11.59 -7.71
N ALA A 178 6.40 -12.65 -7.70
CA ALA A 178 4.98 -12.54 -7.36
C ALA A 178 4.55 -13.93 -6.89
N GLY A 179 3.79 -13.98 -5.80
CA GLY A 179 3.34 -15.25 -5.30
C GLY A 179 3.39 -15.34 -3.79
N TYR A 180 3.34 -16.56 -3.27
CA TYR A 180 3.39 -16.78 -1.83
C TYR A 180 4.53 -17.72 -1.54
N SER A 181 5.07 -17.66 -0.33
CA SER A 181 6.16 -18.54 0.01
C SER A 181 5.71 -19.64 0.96
N ASP A 182 4.44 -19.63 1.35
CA ASP A 182 3.95 -20.65 2.26
C ASP A 182 3.76 -22.00 1.58
N GLY A 183 3.85 -22.01 0.25
CA GLY A 183 3.67 -23.25 -0.49
C GLY A 183 2.22 -23.51 -0.87
N SER A 184 1.38 -22.48 -0.76
CA SER A 184 -0.03 -22.61 -1.07
C SER A 184 -0.42 -22.32 -2.53
N LYS A 185 0.07 -21.22 -3.08
CA LYS A 185 -0.27 -20.86 -4.46
C LYS A 185 0.97 -20.42 -5.24
N ASP A 186 0.87 -20.53 -6.56
CA ASP A 186 1.97 -20.18 -7.46
C ASP A 186 1.66 -20.69 -8.86
N SER A 187 2.28 -20.10 -9.86
CA SER A 187 2.08 -20.57 -11.23
C SER A 187 3.03 -21.76 -11.31
N CYS A 188 3.06 -22.45 -12.44
CA CYS A 188 3.93 -23.59 -12.53
C CYS A 188 4.44 -23.82 -13.95
N LYS A 189 5.57 -24.51 -14.06
CA LYS A 189 6.22 -24.82 -15.34
C LYS A 189 5.35 -24.83 -16.57
N GLY A 190 4.36 -25.72 -16.59
CA GLY A 190 3.47 -25.80 -17.74
C GLY A 190 2.77 -24.50 -18.06
N ASP A 191 2.94 -23.52 -17.19
CA ASP A 191 2.32 -22.21 -17.36
C ASP A 191 3.28 -21.20 -17.97
N SER A 192 4.51 -21.64 -18.23
CA SER A 192 5.52 -20.75 -18.78
C SER A 192 4.98 -19.99 -19.99
N GLY A 193 5.38 -18.72 -20.10
CA GLY A 193 4.96 -17.89 -21.21
C GLY A 193 3.60 -17.26 -21.00
N GLY A 194 2.85 -17.77 -20.03
CA GLY A 194 1.53 -17.23 -19.76
C GLY A 194 1.60 -15.78 -19.31
N PRO A 195 0.48 -15.05 -19.37
CA PRO A 195 0.44 -13.65 -18.96
C PRO A 195 0.45 -13.44 -17.46
N HIS A 196 0.70 -12.19 -17.06
CA HIS A 196 0.66 -11.76 -15.67
C HIS A 196 0.01 -10.40 -15.88
N ALA A 197 -1.31 -10.41 -16.00
CA ALA A 197 -2.09 -9.20 -16.27
C ALA A 197 -2.51 -8.42 -15.04
N THR A 198 -2.31 -7.11 -15.10
CA THR A 198 -2.66 -6.22 -13.99
C THR A 198 -3.92 -5.43 -14.28
N HIS A 199 -4.76 -5.31 -13.27
CA HIS A 199 -6.02 -4.59 -13.39
C HIS A 199 -5.88 -3.20 -12.78
N TYR A 200 -6.06 -2.17 -13.59
CA TYR A 200 -5.95 -0.80 -13.11
C TYR A 200 -7.05 0.08 -13.71
N ARG A 201 -7.77 0.78 -12.84
CA ARG A 201 -8.86 1.65 -13.27
C ARG A 201 -9.68 1.20 -14.47
N GLY A 202 -10.22 -0.01 -14.40
CA GLY A 202 -11.06 -0.51 -15.47
C GLY A 202 -10.44 -1.20 -16.67
N THR A 203 -9.12 -1.22 -16.75
CA THR A 203 -8.46 -1.87 -17.87
C THR A 203 -7.32 -2.78 -17.48
N TRP A 204 -7.14 -3.87 -18.23
CA TRP A 204 -6.07 -4.80 -17.96
C TRP A 204 -4.85 -4.57 -18.85
N TYR A 205 -3.68 -4.77 -18.26
CA TYR A 205 -2.42 -4.57 -18.96
C TYR A 205 -1.50 -5.78 -18.77
N LEU A 206 -0.52 -5.90 -19.65
CA LEU A 206 0.44 -6.99 -19.56
C LEU A 206 1.63 -6.45 -18.78
N THR A 207 1.94 -7.07 -17.65
CA THR A 207 3.06 -6.62 -16.83
C THR A 207 3.98 -7.77 -16.46
N GLY A 208 3.60 -8.98 -16.86
CA GLY A 208 4.43 -10.13 -16.56
C GLY A 208 4.29 -11.30 -17.50
N ILE A 209 5.27 -12.20 -17.41
CA ILE A 209 5.30 -13.40 -18.23
C ILE A 209 5.77 -14.52 -17.31
N VAL A 210 4.98 -15.58 -17.16
CA VAL A 210 5.35 -16.72 -16.32
C VAL A 210 6.70 -17.23 -16.81
N SER A 211 7.75 -16.92 -16.05
CA SER A 211 9.11 -17.29 -16.43
C SER A 211 9.73 -18.52 -15.74
N TRP A 212 10.02 -18.42 -14.45
CA TRP A 212 10.63 -19.55 -13.75
C TRP A 212 10.46 -19.54 -12.23
N GLY A 213 11.13 -20.47 -11.58
CA GLY A 213 11.05 -20.57 -10.14
C GLY A 213 11.74 -21.81 -9.59
N GLN A 214 11.69 -21.93 -8.27
CA GLN A 214 12.27 -23.06 -7.55
C GLN A 214 11.14 -24.04 -7.37
N GLY A 215 10.90 -24.83 -8.41
CA GLY A 215 9.81 -25.78 -8.37
C GLY A 215 8.54 -24.98 -8.52
N CYS A 216 7.46 -25.44 -7.90
CA CYS A 216 6.18 -24.76 -7.98
C CYS A 216 5.61 -24.63 -6.58
N ALA A 217 5.31 -23.40 -6.18
CA ALA A 217 4.76 -23.16 -4.86
C ALA A 217 5.58 -23.87 -3.79
N THR A 218 6.90 -23.63 -3.79
CA THR A 218 7.76 -24.24 -2.78
C THR A 218 7.89 -23.34 -1.57
N VAL A 219 7.89 -23.93 -0.38
CA VAL A 219 7.99 -23.15 0.85
C VAL A 219 9.27 -22.31 0.86
N GLY A 220 9.10 -21.01 1.02
CA GLY A 220 10.24 -20.11 1.06
C GLY A 220 10.70 -19.63 -0.31
N HIS A 221 9.77 -19.62 -1.26
CA HIS A 221 10.05 -19.19 -2.63
C HIS A 221 8.86 -18.55 -3.29
N PHE A 222 9.14 -17.61 -4.20
CA PHE A 222 8.10 -16.91 -4.94
C PHE A 222 8.21 -17.25 -6.43
N GLY A 223 7.25 -16.80 -7.22
CA GLY A 223 7.32 -17.06 -8.64
C GLY A 223 8.11 -15.94 -9.28
N VAL A 224 8.83 -16.22 -10.36
CA VAL A 224 9.59 -15.17 -11.02
C VAL A 224 9.00 -14.94 -12.40
N TYR A 225 8.66 -13.69 -12.69
CA TYR A 225 8.06 -13.35 -13.96
C TYR A 225 8.91 -12.35 -14.74
N THR A 226 8.90 -12.45 -16.06
CA THR A 226 9.68 -11.53 -16.87
C THR A 226 9.06 -10.15 -16.70
N ARG A 227 9.90 -9.14 -16.53
CA ARG A 227 9.41 -7.78 -16.35
C ARG A 227 9.11 -7.15 -17.70
N VAL A 228 7.87 -7.34 -18.19
CA VAL A 228 7.48 -6.79 -19.49
C VAL A 228 7.87 -5.32 -19.74
N SER A 229 7.75 -4.49 -18.72
CA SER A 229 8.05 -3.07 -18.85
C SER A 229 9.43 -2.75 -19.40
N GLN A 230 10.39 -3.67 -19.26
CA GLN A 230 11.75 -3.44 -19.78
C GLN A 230 11.87 -3.79 -21.25
N TYR A 231 10.80 -4.31 -21.84
CA TYR A 231 10.87 -4.71 -23.24
C TYR A 231 9.83 -4.08 -24.14
N ILE A 232 9.14 -3.07 -23.61
CA ILE A 232 8.10 -2.40 -24.37
C ILE A 232 8.60 -1.81 -25.67
N GLU A 233 9.57 -0.91 -25.58
CA GLU A 233 10.12 -0.31 -26.78
C GLU A 233 10.56 -1.43 -27.70
N TRP A 234 11.33 -2.38 -27.17
CA TRP A 234 11.80 -3.52 -27.95
C TRP A 234 10.65 -4.11 -28.76
N LEU A 235 9.63 -4.58 -28.06
CA LEU A 235 8.47 -5.18 -28.70
C LEU A 235 7.86 -4.23 -29.72
N GLN A 236 7.71 -2.97 -29.34
CA GLN A 236 7.11 -1.99 -30.24
C GLN A 236 7.82 -1.76 -31.56
N LYS A 237 9.14 -1.71 -31.51
CA LYS A 237 9.92 -1.51 -32.72
C LYS A 237 9.72 -2.73 -33.64
N LEU A 238 9.89 -3.91 -33.07
CA LEU A 238 9.73 -5.17 -33.79
C LEU A 238 8.38 -5.31 -34.47
N MET A 239 7.33 -4.89 -33.78
CA MET A 239 5.99 -4.99 -34.34
C MET A 239 5.82 -4.08 -35.55
N ARG A 240 6.65 -3.04 -35.65
CA ARG A 240 6.60 -2.12 -36.77
C ARG A 240 7.72 -2.42 -37.76
N SER A 241 8.30 -3.60 -37.68
CA SER A 241 9.40 -3.97 -38.57
C SER A 241 8.95 -4.99 -39.62
N GLU A 242 9.63 -5.00 -40.76
CA GLU A 242 9.32 -5.90 -41.86
C GLU A 242 9.69 -7.35 -41.52
N PRO A 243 8.83 -8.30 -41.91
CA PRO A 243 8.91 -9.75 -41.73
C PRO A 243 10.11 -10.44 -42.38
N ARG A 244 11.12 -10.78 -41.57
CA ARG A 244 12.32 -11.44 -42.06
C ARG A 244 12.15 -12.95 -42.23
N PRO A 245 12.92 -13.55 -43.15
CA PRO A 245 12.92 -14.98 -43.47
C PRO A 245 13.24 -15.80 -42.23
N GLY A 246 12.92 -17.09 -42.27
CA GLY A 246 13.20 -17.95 -41.13
C GLY A 246 12.29 -17.69 -39.94
N VAL A 247 11.77 -18.76 -39.34
CA VAL A 247 10.89 -18.61 -38.20
C VAL A 247 11.59 -17.98 -37.01
N LEU A 248 12.81 -18.42 -36.72
CA LEU A 248 13.55 -17.88 -35.57
C LEU A 248 14.33 -16.61 -35.92
N LEU A 249 14.18 -15.58 -35.09
CA LEU A 249 14.87 -14.32 -35.33
C LEU A 249 15.40 -13.69 -34.05
N ARG A 250 16.73 -13.72 -33.87
CA ARG A 250 17.36 -13.14 -32.71
C ARG A 250 17.59 -11.64 -32.88
N ALA A 251 16.71 -10.84 -32.30
CA ALA A 251 16.82 -9.39 -32.39
C ALA A 251 17.74 -8.81 -31.33
N PRO A 252 18.42 -7.71 -31.64
CA PRO A 252 19.32 -7.09 -30.67
C PRO A 252 18.55 -6.39 -29.55
N PHE A 253 19.12 -6.40 -28.35
CA PHE A 253 18.48 -5.76 -27.22
C PHE A 253 19.58 -5.20 -26.31
N PRO A 254 19.47 -3.92 -25.93
CA PRO A 254 18.42 -2.95 -26.25
C PRO A 254 18.12 -2.85 -27.75
N ALA B 1 5.14 33.32 43.14
CA ALA B 1 5.73 34.66 43.46
C ALA B 1 5.68 34.91 44.96
N ASN B 2 6.60 35.73 45.44
CA ASN B 2 6.63 36.05 46.87
C ASN B 2 6.82 37.54 47.13
N ALA B 3 5.75 38.21 47.52
CA ALA B 3 5.79 39.63 47.81
C ALA B 3 6.30 39.83 49.23
N PHE B 4 6.23 41.07 49.71
CA PHE B 4 6.70 41.38 51.05
C PHE B 4 5.75 40.87 52.13
N LEU B 5 6.26 39.98 52.97
CA LEU B 5 5.47 39.40 54.06
C LEU B 5 4.35 38.50 53.55
N LEU B 8 4.30 35.03 54.89
CA LEU B 8 3.79 34.89 56.26
C LEU B 8 2.45 34.19 56.17
N ARG B 9 1.75 34.39 55.05
CA ARG B 9 0.46 33.77 54.81
C ARG B 9 0.69 32.31 54.52
N PRO B 10 -0.26 31.44 54.88
CA PRO B 10 -0.12 30.01 54.62
C PRO B 10 -0.16 29.74 53.11
N GLY B 11 0.18 28.52 52.72
CA GLY B 11 0.17 28.18 51.31
C GLY B 11 -1.20 28.20 50.67
N SER B 12 -1.27 28.69 49.43
CA SER B 12 -2.51 28.77 48.68
C SER B 12 -2.24 28.46 47.21
N LEU B 13 -2.66 27.28 46.76
CA LEU B 13 -2.42 26.90 45.37
C LEU B 13 -2.93 27.92 44.38
N ARG B 15 -3.78 31.43 44.88
CA ARG B 15 -3.09 32.70 44.95
C ARG B 15 -1.67 32.68 44.40
N CYS B 17 0.03 29.86 42.53
CA CYS B 17 0.31 29.20 41.24
C CYS B 17 -0.71 29.55 40.16
N LYS B 18 -1.95 29.76 40.57
CA LYS B 18 -3.01 30.09 39.63
C LYS B 18 -2.99 31.59 39.36
N GLN B 21 2.53 33.21 39.42
CA GLN B 21 3.39 32.13 38.93
C GLN B 21 4.21 31.70 40.13
N CYS B 22 4.07 30.45 40.53
CA CYS B 22 4.80 29.94 41.67
C CYS B 22 6.01 29.11 41.27
N SER B 23 7.05 29.13 42.09
CA SER B 23 8.27 28.38 41.82
C SER B 23 8.03 26.94 42.26
N PHE B 24 9.11 26.14 42.33
CA PHE B 24 8.93 24.76 42.74
C PHE B 24 8.69 24.65 44.24
N ALA B 27 5.45 25.76 45.43
CA ALA B 27 4.55 24.66 45.13
C ALA B 27 4.72 23.56 46.17
N ARG B 28 5.96 23.17 46.43
CA ARG B 28 6.22 22.13 47.42
C ARG B 28 5.71 22.59 48.79
N ILE B 30 2.93 23.88 49.22
CA ILE B 30 1.49 23.72 49.20
C ILE B 30 1.16 22.25 49.37
N PHE B 31 1.68 21.42 48.46
CA PHE B 31 1.43 19.99 48.54
C PHE B 31 2.27 19.30 49.61
N LYS B 32 3.41 19.89 49.97
CA LYS B 32 4.31 19.33 50.99
C LYS B 32 5.03 18.06 50.49
N ASP B 33 4.26 17.03 50.17
CA ASP B 33 4.84 15.78 49.68
C ASP B 33 5.60 16.02 48.38
N ALA B 34 6.68 15.28 48.18
CA ALA B 34 7.50 15.41 46.98
C ALA B 34 6.82 14.77 45.78
N GLU B 35 6.36 13.53 45.95
CA GLU B 35 5.70 12.82 44.88
C GLU B 35 4.51 13.63 44.39
N ARG B 36 3.79 14.26 45.31
CA ARG B 36 2.63 15.05 44.96
C ARG B 36 3.07 16.32 44.23
N THR B 37 4.02 17.04 44.82
CA THR B 37 4.53 18.27 44.22
C THR B 37 5.07 18.03 42.81
N LYS B 38 5.66 16.85 42.58
CA LYS B 38 6.20 16.50 41.27
C LYS B 38 5.09 16.30 40.24
N LEU B 39 4.10 15.50 40.59
CA LEU B 39 2.97 15.24 39.70
C LEU B 39 2.40 16.56 39.23
N PHE B 40 2.24 17.50 40.15
CA PHE B 40 1.73 18.83 39.83
C PHE B 40 2.71 19.60 38.97
N TRP B 41 3.95 19.69 39.44
CA TRP B 41 4.98 20.44 38.74
C TRP B 41 5.19 20.02 37.30
N ILE B 42 5.25 18.72 37.06
CA ILE B 42 5.48 18.21 35.72
C ILE B 42 4.67 18.93 34.62
N SER B 43 3.38 19.14 34.86
CA SER B 43 2.54 19.82 33.89
C SER B 43 2.64 21.34 34.01
N TYR B 44 2.28 21.84 35.18
CA TYR B 44 2.30 23.27 35.49
C TYR B 44 3.48 24.00 34.88
N SER B 45 4.61 23.32 34.78
CA SER B 45 5.81 23.93 34.23
C SER B 45 6.19 23.51 32.82
N ASP B 46 5.45 22.57 32.23
CA ASP B 46 5.76 22.09 30.89
C ASP B 46 5.85 23.17 29.83
N GLY B 47 4.94 24.14 29.87
CA GLY B 47 4.97 25.19 28.88
C GLY B 47 4.10 24.82 27.70
N ASP B 48 3.26 25.76 27.26
CA ASP B 48 2.35 25.53 26.14
C ASP B 48 3.04 25.56 24.77
N GLN B 49 3.44 24.38 24.30
CA GLN B 49 4.11 24.27 23.00
C GLN B 49 3.36 24.92 21.85
N CYS B 50 2.10 25.27 22.06
CA CYS B 50 1.31 25.90 21.01
C CYS B 50 1.56 27.40 20.90
N ALA B 51 2.16 27.96 21.94
CA ALA B 51 2.44 29.39 21.98
C ALA B 51 3.04 29.95 20.68
N SER B 52 3.88 29.15 20.02
CA SER B 52 4.51 29.60 18.79
C SER B 52 3.56 29.55 17.60
N SER B 53 2.31 29.16 17.85
CA SER B 53 1.33 29.04 16.78
C SER B 53 2.00 28.33 15.62
N PRO B 54 2.31 27.04 15.79
CA PRO B 54 2.97 26.23 14.76
C PRO B 54 2.05 25.78 13.61
N CYS B 55 0.83 25.38 13.94
CA CYS B 55 -0.09 24.91 12.93
C CYS B 55 -0.43 26.00 11.91
N GLN B 56 -0.46 25.60 10.65
CA GLN B 56 -0.74 26.50 9.55
C GLN B 56 -2.04 26.25 8.83
N ASN B 57 -2.32 27.11 7.86
CA ASN B 57 -3.49 27.03 7.00
C ASN B 57 -4.82 26.80 7.71
N GLY B 58 -5.01 27.47 8.84
CA GLY B 58 -6.26 27.34 9.56
C GLY B 58 -6.30 26.15 10.47
N GLY B 59 -5.13 25.61 10.77
CA GLY B 59 -5.07 24.47 11.65
C GLY B 59 -5.42 24.88 13.07
N SER B 60 -5.59 23.88 13.94
CA SER B 60 -5.90 24.13 15.32
C SER B 60 -4.89 23.38 16.16
N CYS B 61 -4.17 24.11 17.02
CA CYS B 61 -3.13 23.53 17.86
C CYS B 61 -3.66 22.98 19.18
N LYS B 62 -3.13 21.84 19.60
CA LYS B 62 -3.52 21.21 20.84
C LYS B 62 -2.26 20.87 21.63
N ASP B 63 -2.01 21.58 22.72
CA ASP B 63 -0.81 21.37 23.53
C ASP B 63 -0.66 19.99 24.19
N GLN B 64 0.58 19.56 24.33
CA GLN B 64 0.90 18.27 24.93
C GLN B 64 2.14 18.40 25.83
N LEU B 65 2.49 17.33 26.54
CA LEU B 65 3.66 17.35 27.42
C LEU B 65 4.93 17.47 26.59
N GLN B 66 5.41 18.70 26.38
CA GLN B 66 6.62 18.94 25.61
C GLN B 66 6.39 18.59 24.15
N SER B 67 5.25 19.02 23.63
CA SER B 67 4.89 18.74 22.24
C SER B 67 3.51 19.29 21.92
N TYR B 68 3.07 19.10 20.68
CA TYR B 68 1.76 19.58 20.27
C TYR B 68 1.21 18.72 19.15
N ILE B 69 -0.07 18.89 18.87
CA ILE B 69 -0.75 18.15 17.81
C ILE B 69 -1.56 19.12 16.98
N CYS B 70 -1.45 19.05 15.66
CA CYS B 70 -2.22 19.95 14.81
C CYS B 70 -3.39 19.25 14.13
N PHE B 71 -4.56 19.88 14.21
CA PHE B 71 -5.77 19.36 13.58
C PHE B 71 -6.01 20.23 12.35
N CYS B 72 -5.70 19.71 11.18
CA CYS B 72 -5.84 20.48 9.95
C CYS B 72 -7.24 20.46 9.34
N LEU B 73 -7.45 21.36 8.39
CA LEU B 73 -8.72 21.44 7.66
C LEU B 73 -8.53 20.45 6.54
N PRO B 74 -9.63 19.94 5.98
CA PRO B 74 -9.64 18.95 4.89
C PRO B 74 -8.46 18.96 3.90
N ALA B 75 -8.25 20.09 3.22
CA ALA B 75 -7.20 20.23 2.23
C ALA B 75 -5.75 20.33 2.71
N PHE B 76 -5.47 19.97 3.96
CA PHE B 76 -4.09 20.09 4.45
C PHE B 76 -3.60 18.90 5.25
N GLU B 77 -2.31 18.62 5.17
CA GLU B 77 -1.70 17.53 5.92
C GLU B 77 -0.37 18.03 6.43
N GLY B 78 0.37 17.15 7.09
CA GLY B 78 1.66 17.52 7.61
C GLY B 78 1.65 17.81 9.08
N ARG B 79 2.80 17.64 9.73
CA ARG B 79 2.93 17.89 11.15
C ARG B 79 2.37 19.25 11.52
N ASN B 80 2.52 20.24 10.63
CA ASN B 80 2.04 21.58 10.89
C ASN B 80 1.02 22.03 9.87
N CYS B 81 0.36 21.07 9.22
CA CYS B 81 -0.65 21.39 8.22
C CYS B 81 -0.03 22.18 7.08
N GLU B 82 1.27 22.07 6.92
CA GLU B 82 1.99 22.80 5.89
C GLU B 82 1.90 22.18 4.49
N THR B 83 1.06 21.17 4.33
CA THR B 83 0.97 20.54 3.02
C THR B 83 -0.37 20.72 2.33
N HIS B 84 -0.31 21.29 1.13
CA HIS B 84 -1.47 21.55 0.29
C HIS B 84 -1.79 20.32 -0.55
N LYS B 85 -2.92 19.68 -0.28
CA LYS B 85 -3.28 18.50 -1.03
C LYS B 85 -3.56 18.83 -2.51
N ASP B 86 -4.19 19.97 -2.75
CA ASP B 86 -4.53 20.38 -4.11
C ASP B 86 -3.33 20.73 -5.00
N ASP B 87 -2.12 20.52 -4.49
CA ASP B 87 -0.92 20.83 -5.25
C ASP B 87 -0.08 19.60 -5.49
N GLN B 88 -0.73 18.44 -5.43
CA GLN B 88 -0.04 17.18 -5.62
C GLN B 88 -0.44 16.59 -6.96
N LEU B 89 -0.92 17.44 -7.88
CA LEU B 89 -1.36 16.98 -9.19
C LEU B 89 -0.22 16.58 -10.15
N ILE B 90 0.55 15.57 -9.74
CA ILE B 90 1.68 15.05 -10.51
C ILE B 90 1.39 13.60 -10.88
N CYS B 91 2.17 13.03 -11.78
CA CYS B 91 1.95 11.65 -12.22
C CYS B 91 2.32 10.59 -11.18
N VAL B 92 3.26 10.88 -10.32
CA VAL B 92 3.66 9.91 -9.31
C VAL B 92 2.56 9.77 -8.26
N ASN B 93 1.73 10.80 -8.14
CA ASN B 93 0.64 10.81 -7.18
C ASN B 93 -0.64 10.24 -7.78
N GLU B 94 -0.90 8.97 -7.53
CA GLU B 94 -2.10 8.34 -8.05
C GLU B 94 -2.25 8.58 -9.54
N ASN B 95 -1.18 8.29 -10.29
CA ASN B 95 -1.20 8.41 -11.74
C ASN B 95 -1.75 9.74 -12.21
N GLY B 96 -1.54 10.79 -11.42
CA GLY B 96 -2.03 12.10 -11.80
C GLY B 96 -3.54 12.08 -12.00
N GLY B 97 -4.19 11.07 -11.44
CA GLY B 97 -5.64 10.96 -11.56
C GLY B 97 -6.10 10.60 -12.95
N CYS B 98 -5.18 10.22 -13.83
CA CYS B 98 -5.51 9.85 -15.21
C CYS B 98 -6.09 8.44 -15.25
N GLU B 99 -7.01 8.19 -16.17
CA GLU B 99 -7.61 6.85 -16.27
C GLU B 99 -6.65 5.88 -16.90
N GLN B 100 -5.78 6.38 -17.77
CA GLN B 100 -4.80 5.52 -18.40
C GLN B 100 -3.39 6.06 -18.29
N TYR B 101 -2.93 6.79 -19.31
CA TYR B 101 -1.58 7.35 -19.30
C TYR B 101 -1.50 8.77 -18.73
N CYS B 102 -0.42 9.05 -18.01
CA CYS B 102 -0.19 10.36 -17.39
C CYS B 102 1.14 10.94 -17.88
N SER B 103 1.18 12.25 -18.12
CA SER B 103 2.40 12.90 -18.58
C SER B 103 2.68 14.18 -17.81
N ASP B 104 3.76 14.18 -17.02
CA ASP B 104 4.13 15.34 -16.24
C ASP B 104 4.52 16.49 -17.17
N HIS B 105 4.41 17.71 -16.66
CA HIS B 105 4.75 18.90 -17.41
C HIS B 105 5.26 20.01 -16.47
N THR B 106 6.57 20.19 -16.46
CA THR B 106 7.23 21.19 -15.60
C THR B 106 6.52 22.54 -15.57
N GLY B 107 5.99 22.90 -14.39
CA GLY B 107 5.32 24.18 -14.22
C GLY B 107 3.82 24.16 -14.41
N THR B 108 3.37 23.74 -15.59
CA THR B 108 1.96 23.67 -15.93
C THR B 108 1.35 22.41 -15.31
N LYS B 109 0.07 22.16 -15.57
CA LYS B 109 -0.58 20.97 -15.03
C LYS B 109 -0.24 19.77 -15.90
N ARG B 110 -0.51 18.59 -15.37
CA ARG B 110 -0.24 17.34 -16.07
C ARG B 110 -1.25 17.04 -17.16
N SER B 111 -0.85 16.19 -18.10
CA SER B 111 -1.70 15.77 -19.20
C SER B 111 -2.05 14.29 -19.04
N CYS B 112 -3.19 13.89 -19.58
CA CYS B 112 -3.64 12.50 -19.52
C CYS B 112 -3.87 11.97 -20.93
N ARG B 113 -3.31 10.81 -21.25
CA ARG B 113 -3.49 10.22 -22.58
C ARG B 113 -4.15 8.84 -22.50
N CYS B 114 -4.46 8.27 -23.65
CA CYS B 114 -5.08 6.95 -23.69
C CYS B 114 -4.32 6.00 -24.58
N HIS B 115 -4.64 4.71 -24.45
CA HIS B 115 -4.02 3.66 -25.23
C HIS B 115 -4.75 3.63 -26.59
N GLU B 116 -4.15 3.03 -27.60
CA GLU B 116 -4.79 2.97 -28.91
C GLU B 116 -6.12 2.25 -28.76
N GLY B 117 -7.11 2.68 -29.54
CA GLY B 117 -8.42 2.06 -29.45
C GLY B 117 -9.28 2.76 -28.41
N TYR B 118 -8.69 3.75 -27.76
CA TYR B 118 -9.35 4.54 -26.73
C TYR B 118 -9.19 6.02 -27.05
N SER B 119 -10.10 6.83 -26.53
CA SER B 119 -10.06 8.26 -26.77
C SER B 119 -10.19 9.01 -25.45
N LEU B 120 -9.44 10.10 -25.29
CA LEU B 120 -9.52 10.86 -24.04
C LEU B 120 -10.73 11.76 -24.07
N LEU B 121 -11.63 11.58 -23.11
CA LEU B 121 -12.84 12.39 -23.02
C LEU B 121 -12.60 13.84 -22.62
N ALA B 122 -13.65 14.64 -22.72
CA ALA B 122 -13.57 16.07 -22.38
C ALA B 122 -13.18 16.33 -20.93
N ASP B 123 -13.45 15.38 -20.03
CA ASP B 123 -13.09 15.59 -18.63
C ASP B 123 -11.58 15.69 -18.50
N GLY B 124 -10.87 15.32 -19.58
CA GLY B 124 -9.42 15.40 -19.57
C GLY B 124 -8.69 14.27 -18.87
N VAL B 125 -9.43 13.40 -18.20
CA VAL B 125 -8.81 12.28 -17.49
C VAL B 125 -9.32 10.89 -17.85
N SER B 126 -10.50 10.82 -18.48
CA SER B 126 -11.08 9.54 -18.85
C SER B 126 -10.83 9.10 -20.28
N CYS B 127 -10.91 7.79 -20.49
CA CYS B 127 -10.72 7.23 -21.81
C CYS B 127 -11.87 6.30 -22.11
N THR B 128 -12.46 6.46 -23.28
CA THR B 128 -13.56 5.61 -23.70
C THR B 128 -13.14 4.83 -24.93
N PRO B 129 -13.66 3.62 -25.11
CA PRO B 129 -13.33 2.78 -26.25
C PRO B 129 -13.75 3.42 -27.56
N THR B 130 -12.97 3.21 -28.60
CA THR B 130 -13.30 3.74 -29.91
C THR B 130 -13.46 2.58 -30.88
N VAL B 131 -13.16 1.38 -30.42
CA VAL B 131 -13.29 0.18 -31.25
C VAL B 131 -14.28 -0.75 -30.53
N GLU B 132 -14.69 -1.82 -31.20
CA GLU B 132 -15.64 -2.74 -30.60
C GLU B 132 -14.99 -3.67 -29.58
N TYR B 133 -13.70 -3.88 -29.71
CA TYR B 133 -12.96 -4.75 -28.79
C TYR B 133 -11.63 -4.14 -28.37
N PRO B 134 -11.68 -3.07 -27.56
CA PRO B 134 -10.44 -2.43 -27.12
C PRO B 134 -9.73 -3.36 -26.14
N CYS B 135 -8.41 -3.40 -26.23
CA CYS B 135 -7.64 -4.25 -25.33
C CYS B 135 -8.03 -3.98 -23.88
N GLY B 136 -7.77 -4.95 -23.00
CA GLY B 136 -8.07 -4.77 -21.60
C GLY B 136 -9.48 -4.90 -21.08
N LYS B 137 -10.45 -5.16 -21.93
CA LYS B 137 -11.83 -5.31 -21.48
C LYS B 137 -12.32 -6.74 -21.69
N ILE B 138 -13.19 -7.21 -20.79
CA ILE B 138 -13.72 -8.57 -20.90
C ILE B 138 -15.18 -8.55 -21.34
N PRO B 139 -15.42 -8.51 -22.66
CA PRO B 139 -16.76 -8.47 -23.27
C PRO B 139 -17.90 -9.09 -22.47
N ILE B 140 -17.76 -10.33 -22.02
CA ILE B 140 -18.85 -10.97 -21.28
C ILE B 140 -19.06 -10.40 -19.89
N LEU B 141 -18.39 -9.28 -19.60
CA LEU B 141 -18.54 -8.63 -18.30
C LEU B 141 -18.89 -7.17 -18.51
N GLU B 142 -18.81 -6.73 -19.75
CA GLU B 142 -19.11 -5.35 -20.08
C GLU B 142 -20.55 -5.23 -20.59
N THR C 6 23.78 7.40 -2.73
CA THR C 6 22.48 7.37 -2.01
C THR C 6 22.42 6.23 -0.98
N VAL C 7 22.19 6.55 0.28
CA VAL C 7 22.12 5.53 1.32
C VAL C 7 20.69 5.26 1.75
N ALA C 8 20.34 3.98 1.85
CA ALA C 8 19.00 3.59 2.27
C ALA C 8 18.71 4.16 3.65
N ALA C 9 17.53 4.74 3.81
CA ALA C 9 17.12 5.32 5.08
C ALA C 9 17.08 4.21 6.13
N TYR C 10 17.26 4.59 7.39
CA TYR C 10 17.23 3.61 8.46
C TYR C 10 16.56 4.15 9.71
N ASN C 11 16.37 3.27 10.69
CA ASN C 11 15.72 3.60 11.95
C ASN C 11 14.36 4.26 11.79
N LEU C 12 13.51 3.67 10.94
CA LEU C 12 12.19 4.22 10.73
C LEU C 12 11.38 4.01 11.99
N THR C 13 10.65 5.05 12.40
CA THR C 13 9.85 4.99 13.61
C THR C 13 8.48 5.63 13.40
N TRP C 14 7.50 5.18 14.17
CA TRP C 14 6.16 5.75 14.10
C TRP C 14 5.94 6.65 15.31
N LYS C 15 5.43 7.84 15.07
CA LYS C 15 5.14 8.78 16.14
C LYS C 15 3.65 9.06 16.01
N SER C 16 2.84 8.38 16.82
CA SER C 16 1.38 8.55 16.74
C SER C 16 0.70 8.84 18.08
N THR C 17 -0.07 9.93 18.13
CA THR C 17 -0.79 10.33 19.33
C THR C 17 -2.19 10.81 18.96
N ASN C 18 -3.20 10.13 19.45
CA ASN C 18 -4.58 10.49 19.14
C ASN C 18 -4.78 10.37 17.63
N PHE C 19 -4.04 9.42 17.07
CA PHE C 19 -4.06 9.08 15.66
C PHE C 19 -3.32 10.00 14.70
N LYS C 20 -2.78 11.09 15.23
CA LYS C 20 -1.97 12.00 14.43
C LYS C 20 -0.68 11.20 14.27
N THR C 21 -0.57 10.49 13.16
CA THR C 21 0.58 9.63 12.90
C THR C 21 1.64 10.24 11.98
N ILE C 22 2.88 10.29 12.45
CA ILE C 22 3.97 10.82 11.65
C ILE C 22 5.04 9.75 11.62
N LEU C 23 5.54 9.43 10.44
CA LEU C 23 6.60 8.45 10.34
C LEU C 23 7.88 9.25 10.26
N GLU C 24 8.84 8.97 11.14
CA GLU C 24 10.10 9.70 11.10
C GLU C 24 11.22 8.73 10.79
N TRP C 25 12.34 9.24 10.28
CA TRP C 25 13.46 8.37 9.96
C TRP C 25 14.77 9.12 9.85
N GLU C 26 15.87 8.38 9.65
CA GLU C 26 17.20 8.95 9.50
C GLU C 26 17.77 8.57 8.14
N PRO C 27 18.90 9.17 7.74
CA PRO C 27 19.73 10.16 8.42
C PRO C 27 19.39 11.64 8.18
N LYS C 28 19.97 12.52 9.01
CA LYS C 28 19.75 13.96 8.89
C LYS C 28 21.08 14.72 8.80
N VAL C 33 16.50 13.51 -0.53
CA VAL C 33 15.24 13.47 -1.27
C VAL C 33 14.61 12.07 -1.24
N TYR C 34 13.44 11.97 -0.63
CA TYR C 34 12.75 10.69 -0.50
C TYR C 34 11.31 10.76 -0.96
N THR C 35 10.67 9.61 -0.94
CA THR C 35 9.26 9.45 -1.29
C THR C 35 8.78 8.28 -0.46
N VAL C 36 7.63 8.42 0.18
CA VAL C 36 7.11 7.36 1.01
C VAL C 36 5.87 6.69 0.44
N GLN C 37 5.73 5.40 0.68
CA GLN C 37 4.55 4.66 0.22
C GLN C 37 3.98 3.96 1.45
N ILE C 38 2.67 3.94 1.56
CA ILE C 38 2.03 3.29 2.68
C ILE C 38 0.96 2.37 2.12
N SER C 39 0.78 1.22 2.75
CA SER C 39 -0.23 0.27 2.31
C SER C 39 -0.63 -0.62 3.44
N THR C 40 -1.56 -1.52 3.15
CA THR C 40 -2.07 -2.50 4.11
C THR C 40 -1.66 -3.84 3.54
N LYS C 41 -1.55 -4.87 4.38
CA LYS C 41 -1.13 -6.19 3.93
C LYS C 41 -1.63 -6.70 2.57
N SER C 42 -2.80 -6.26 2.13
CA SER C 42 -3.34 -6.70 0.85
C SER C 42 -3.82 -5.55 -0.02
N GLY C 43 -3.31 -4.35 0.23
CA GLY C 43 -3.74 -3.21 -0.56
C GLY C 43 -2.67 -2.67 -1.47
N ASP C 44 -3.08 -1.81 -2.39
CA ASP C 44 -2.16 -1.19 -3.32
C ASP C 44 -1.23 -0.27 -2.53
N TRP C 45 -0.11 0.11 -3.13
CA TRP C 45 0.84 1.00 -2.49
C TRP C 45 0.54 2.43 -2.89
N LYS C 46 0.44 3.34 -1.92
CA LYS C 46 0.14 4.73 -2.22
C LYS C 46 1.28 5.68 -1.84
N SER C 47 1.86 6.34 -2.82
CA SER C 47 2.95 7.28 -2.57
C SER C 47 2.52 8.54 -1.84
N LYS C 48 3.33 8.94 -0.85
CA LYS C 48 3.09 10.12 -0.01
C LYS C 48 4.40 10.89 0.18
N CYS C 49 4.29 12.18 0.44
CA CYS C 49 5.45 13.04 0.65
C CYS C 49 6.46 12.92 -0.48
N PHE C 50 5.96 13.19 -1.67
CA PHE C 50 6.75 13.12 -2.89
C PHE C 50 8.03 13.96 -2.85
N TYR C 51 9.14 13.30 -3.14
CA TYR C 51 10.44 13.94 -3.19
C TYR C 51 10.67 14.98 -2.11
N THR C 52 10.40 14.63 -0.86
CA THR C 52 10.59 15.56 0.25
C THR C 52 12.07 15.49 0.67
N THR C 53 12.55 16.56 1.28
CA THR C 53 13.94 16.58 1.75
C THR C 53 13.88 16.44 3.26
N ASP C 54 12.68 16.18 3.77
CA ASP C 54 12.47 15.99 5.18
C ASP C 54 12.68 14.52 5.51
N THR C 55 13.02 14.26 6.76
CA THR C 55 13.19 12.90 7.18
C THR C 55 11.95 12.58 8.02
N GLU C 56 10.79 12.88 7.46
CA GLU C 56 9.52 12.63 8.12
C GLU C 56 8.40 12.77 7.10
N CYS C 57 7.26 12.17 7.41
CA CYS C 57 6.10 12.23 6.52
C CYS C 57 4.82 12.01 7.31
N ASP C 58 3.86 12.91 7.19
CA ASP C 58 2.60 12.76 7.89
C ASP C 58 1.72 11.77 7.14
N LEU C 59 1.40 10.65 7.78
CA LEU C 59 0.57 9.63 7.14
C LEU C 59 -0.81 9.54 7.80
N THR C 60 -1.08 10.48 8.70
CA THR C 60 -2.36 10.51 9.40
C THR C 60 -3.57 10.26 8.51
N ASP C 61 -3.75 11.07 7.47
CA ASP C 61 -4.90 10.89 6.60
C ASP C 61 -5.09 9.52 6.00
N GLU C 62 -4.00 8.81 5.74
CA GLU C 62 -4.12 7.48 5.16
C GLU C 62 -4.56 6.43 6.19
N ILE C 63 -4.02 6.53 7.40
CA ILE C 63 -4.34 5.57 8.45
C ILE C 63 -5.66 5.79 9.18
N VAL C 64 -6.19 7.01 9.15
CA VAL C 64 -7.47 7.26 9.82
C VAL C 64 -8.64 6.73 8.98
N LYS C 65 -8.33 6.25 7.79
CA LYS C 65 -9.34 5.70 6.89
C LYS C 65 -9.83 4.33 7.39
N ASP C 66 -9.08 3.76 8.33
CA ASP C 66 -9.41 2.46 8.91
C ASP C 66 -8.36 2.20 9.97
N VAL C 67 -8.62 2.68 11.18
CA VAL C 67 -7.70 2.54 12.30
C VAL C 67 -7.43 1.08 12.70
N LYS C 68 -8.42 0.22 12.49
CA LYS C 68 -8.29 -1.19 12.86
C LYS C 68 -7.26 -1.91 12.00
N GLN C 69 -6.98 -1.35 10.83
CA GLN C 69 -6.04 -1.93 9.89
C GLN C 69 -4.61 -1.89 10.42
N THR C 70 -3.76 -2.71 9.80
CA THR C 70 -2.34 -2.76 10.14
C THR C 70 -1.68 -2.19 8.91
N TYR C 71 -0.88 -1.13 9.07
CA TYR C 71 -0.22 -0.54 7.91
C TYR C 71 1.28 -0.82 7.87
N LEU C 72 1.85 -0.75 6.68
CA LEU C 72 3.29 -0.96 6.48
C LEU C 72 3.73 0.20 5.60
N ALA C 73 4.90 0.74 5.87
CA ALA C 73 5.39 1.86 5.08
C ALA C 73 6.85 1.68 4.71
N ARG C 74 7.22 2.21 3.55
CA ARG C 74 8.58 2.13 3.11
C ARG C 74 9.06 3.49 2.63
N VAL C 75 10.36 3.71 2.78
CA VAL C 75 10.96 4.98 2.40
C VAL C 75 12.00 4.82 1.30
N PHE C 76 11.69 5.33 0.10
CA PHE C 76 12.61 5.24 -1.03
C PHE C 76 13.65 6.35 -0.93
N SER C 77 14.90 6.03 -1.27
CA SER C 77 15.97 7.02 -1.25
C SER C 77 16.44 7.34 -2.65
N TYR C 78 16.65 8.64 -2.92
CA TYR C 78 17.12 9.11 -4.22
C TYR C 78 18.28 10.08 -3.96
N PRO C 79 19.25 10.12 -4.89
CA PRO C 79 20.41 11.01 -4.75
C PRO C 79 20.03 12.49 -4.74
N GLU C 91 14.93 -0.84 -9.48
CA GLU C 91 14.09 -0.33 -8.39
C GLU C 91 14.97 0.43 -7.40
N PRO C 92 14.47 1.55 -6.87
CA PRO C 92 15.18 2.41 -5.91
C PRO C 92 15.64 1.74 -4.60
N LEU C 93 16.36 2.49 -3.79
CA LEU C 93 16.82 2.00 -2.49
C LEU C 93 15.74 2.38 -1.48
N TYR C 94 15.33 1.41 -0.68
CA TYR C 94 14.28 1.66 0.30
C TYR C 94 14.48 0.92 1.62
N GLU C 95 13.53 1.12 2.52
CA GLU C 95 13.55 0.49 3.83
C GLU C 95 12.09 0.37 4.26
N ASN C 96 11.78 -0.65 5.04
CA ASN C 96 10.41 -0.84 5.52
C ASN C 96 10.29 -0.42 6.98
N SER C 97 9.17 0.19 7.32
CA SER C 97 8.92 0.60 8.69
C SER C 97 8.32 -0.58 9.41
N PRO C 98 8.18 -0.49 10.75
CA PRO C 98 7.59 -1.61 11.49
C PRO C 98 6.12 -1.65 11.12
N GLU C 99 5.43 -2.76 11.37
CA GLU C 99 4.01 -2.78 11.07
C GLU C 99 3.39 -1.82 12.08
N PHE C 100 2.24 -1.24 11.75
CA PHE C 100 1.61 -0.31 12.67
C PHE C 100 0.09 -0.32 12.56
N THR C 101 -0.55 -0.87 13.58
CA THR C 101 -2.00 -0.92 13.67
C THR C 101 -2.36 0.20 14.62
N PRO C 102 -2.86 1.32 14.09
CA PRO C 102 -3.26 2.52 14.83
C PRO C 102 -4.03 2.25 16.13
N TYR C 103 -5.24 1.71 15.97
CA TYR C 103 -6.12 1.41 17.10
C TYR C 103 -5.48 0.70 18.29
N LEU C 104 -4.39 -0.02 18.05
CA LEU C 104 -3.73 -0.74 19.14
C LEU C 104 -2.39 -0.14 19.54
N GLU C 105 -1.91 0.84 18.79
CA GLU C 105 -0.61 1.42 19.10
C GLU C 105 -0.57 2.94 19.31
N THR C 106 -1.43 3.67 18.62
CA THR C 106 -1.43 5.12 18.76
C THR C 106 -1.43 5.45 20.25
N ASN C 107 -0.71 6.51 20.62
CA ASN C 107 -0.61 6.93 22.01
C ASN C 107 -1.77 7.80 22.44
N LEU C 108 -2.18 7.62 23.69
CA LEU C 108 -3.28 8.39 24.27
C LEU C 108 -2.67 9.68 24.82
N GLY C 109 -3.09 10.82 24.27
CA GLY C 109 -2.55 12.09 24.74
C GLY C 109 -2.65 12.26 26.25
N GLN C 110 -2.28 13.43 26.75
CA GLN C 110 -2.38 13.65 28.18
C GLN C 110 -3.79 14.11 28.47
N PRO C 111 -4.53 13.31 29.25
CA PRO C 111 -5.91 13.66 29.59
C PRO C 111 -5.99 15.03 30.26
N THR C 112 -7.21 15.48 30.51
CA THR C 112 -7.44 16.78 31.15
C THR C 112 -8.73 16.72 31.94
N ILE C 113 -8.74 17.32 33.13
CA ILE C 113 -9.95 17.32 33.96
C ILE C 113 -10.84 18.51 33.59
N GLN C 114 -11.94 18.23 32.91
CA GLN C 114 -12.86 19.27 32.48
C GLN C 114 -13.60 19.98 33.60
N SER C 115 -13.90 19.26 34.68
CA SER C 115 -14.62 19.84 35.81
C SER C 115 -14.88 18.86 36.93
N PHE C 116 -15.33 19.38 38.07
CA PHE C 116 -15.67 18.56 39.21
C PHE C 116 -16.67 19.24 40.14
N GLU C 117 -17.87 18.66 40.22
CA GLU C 117 -18.94 19.19 41.05
C GLU C 117 -19.14 18.36 42.33
N GLN C 118 -19.43 19.04 43.44
CA GLN C 118 -19.63 18.36 44.71
C GLN C 118 -21.06 18.56 45.21
N VAL C 119 -21.66 17.46 45.65
CA VAL C 119 -23.03 17.47 46.16
C VAL C 119 -23.01 16.83 47.54
N GLY C 120 -22.65 17.62 48.54
CA GLY C 120 -22.61 17.11 49.90
C GLY C 120 -21.38 16.28 50.15
N THR C 121 -21.57 14.98 50.35
CA THR C 121 -20.46 14.08 50.62
C THR C 121 -19.76 13.56 49.36
N LYS C 122 -20.49 13.49 48.25
CA LYS C 122 -19.93 13.00 47.00
C LYS C 122 -19.48 14.11 46.05
N VAL C 123 -18.52 13.78 45.19
CA VAL C 123 -17.97 14.72 44.20
C VAL C 123 -17.90 14.09 42.81
N ASN C 124 -18.36 14.82 41.80
CA ASN C 124 -18.37 14.34 40.42
C ASN C 124 -17.18 14.92 39.65
N VAL C 125 -16.21 14.07 39.34
CA VAL C 125 -15.02 14.49 38.60
C VAL C 125 -15.11 14.08 37.13
N THR C 126 -15.07 15.08 36.25
CA THR C 126 -15.19 14.83 34.82
C THR C 126 -13.88 14.92 34.02
N VAL C 127 -13.78 14.07 33.00
CA VAL C 127 -12.61 14.05 32.13
C VAL C 127 -13.07 14.50 30.74
N GLU C 128 -12.34 15.44 30.15
CA GLU C 128 -12.68 15.96 28.83
C GLU C 128 -12.56 14.88 27.74
N ASP C 129 -13.56 14.79 26.88
CA ASP C 129 -13.54 13.81 25.78
C ASP C 129 -12.71 14.43 24.65
N GLU C 130 -11.39 14.38 24.82
CA GLU C 130 -10.46 14.94 23.85
C GLU C 130 -10.80 14.48 22.42
N ARG C 131 -10.46 15.30 21.44
CA ARG C 131 -10.74 14.96 20.05
C ARG C 131 -9.57 14.21 19.40
N THR C 132 -9.90 13.43 18.36
CA THR C 132 -8.92 12.63 17.64
C THR C 132 -8.82 13.08 16.18
N LEU C 133 -7.74 12.73 15.51
CA LEU C 133 -7.54 13.10 14.11
C LEU C 133 -8.45 12.30 13.17
N VAL C 134 -9.07 11.25 13.71
CA VAL C 134 -9.97 10.40 12.94
C VAL C 134 -11.22 11.18 12.55
N ARG C 135 -11.44 11.33 11.24
CA ARG C 135 -12.60 12.05 10.73
C ARG C 135 -13.76 11.14 10.35
N ARG C 136 -14.96 11.71 10.43
CA ARG C 136 -16.21 11.04 10.07
C ARG C 136 -17.18 12.18 9.79
N ASN C 137 -17.86 12.10 8.64
CA ASN C 137 -18.78 13.15 8.23
C ASN C 137 -17.94 14.42 8.13
N ASN C 138 -18.32 15.45 8.88
CA ASN C 138 -17.57 16.71 8.84
C ASN C 138 -17.07 17.06 10.24
N THR C 139 -16.52 16.08 10.94
CA THR C 139 -16.03 16.33 12.30
C THR C 139 -15.04 15.30 12.83
N PHE C 140 -14.22 15.75 13.78
CA PHE C 140 -13.21 14.91 14.43
C PHE C 140 -13.83 14.09 15.55
N LEU C 141 -13.68 12.77 15.49
CA LEU C 141 -14.21 11.88 16.50
C LEU C 141 -13.43 12.07 17.79
N SER C 142 -14.09 11.81 18.92
CA SER C 142 -13.45 11.95 20.22
C SER C 142 -12.88 10.62 20.65
N LEU C 143 -12.04 10.62 21.69
CA LEU C 143 -11.43 9.41 22.19
C LEU C 143 -12.46 8.33 22.47
N ARG C 144 -13.64 8.76 22.90
CA ARG C 144 -14.73 7.84 23.21
C ARG C 144 -15.29 7.21 21.94
N ASP C 145 -15.68 8.05 20.99
CA ASP C 145 -16.26 7.60 19.71
C ASP C 145 -15.49 6.46 19.03
N VAL C 146 -14.18 6.48 19.12
CA VAL C 146 -13.35 5.47 18.47
C VAL C 146 -13.10 4.20 19.29
N PHE C 147 -12.94 4.36 20.61
CA PHE C 147 -12.65 3.22 21.48
C PHE C 147 -13.81 2.68 22.31
N GLY C 148 -14.80 3.53 22.59
CA GLY C 148 -15.93 3.08 23.38
C GLY C 148 -15.54 2.23 24.59
N LYS C 149 -16.32 1.19 24.87
CA LYS C 149 -16.07 0.30 26.02
C LYS C 149 -14.62 -0.13 26.18
N ASP C 150 -13.78 0.13 25.18
CA ASP C 150 -12.37 -0.25 25.30
C ASP C 150 -11.62 0.71 26.20
N LEU C 151 -12.11 1.95 26.30
CA LEU C 151 -11.43 2.96 27.11
C LEU C 151 -12.04 3.28 28.46
N ILE C 152 -11.21 3.25 29.50
CA ILE C 152 -11.65 3.58 30.85
C ILE C 152 -10.69 4.62 31.39
N TYR C 153 -11.12 5.41 32.37
CA TYR C 153 -10.26 6.42 32.97
C TYR C 153 -9.95 6.11 34.43
N THR C 154 -8.72 6.36 34.84
CA THR C 154 -8.30 6.11 36.20
C THR C 154 -8.10 7.40 36.97
N LEU C 155 -8.74 7.49 38.13
CA LEU C 155 -8.61 8.68 38.96
C LEU C 155 -7.61 8.36 40.07
N TYR C 156 -6.77 9.34 40.38
CA TYR C 156 -5.77 9.22 41.43
C TYR C 156 -5.99 10.47 42.27
N TYR C 157 -6.75 10.33 43.35
CA TYR C 157 -7.04 11.47 44.20
C TYR C 157 -6.46 11.33 45.60
N TRP C 158 -6.47 12.42 46.35
CA TRP C 158 -5.93 12.42 47.70
C TRP C 158 -6.38 13.66 48.46
N LYS C 159 -6.12 13.66 49.77
CA LYS C 159 -6.48 14.79 50.63
C LYS C 159 -5.32 15.78 50.70
N SER C 162 -4.30 14.11 55.26
CA SER C 162 -4.10 12.69 54.93
C SER C 162 -2.81 12.53 54.13
N SER C 163 -2.18 11.36 54.22
CA SER C 163 -0.94 11.10 53.52
C SER C 163 -1.08 10.10 52.39
N GLY C 164 -2.05 9.19 52.51
CA GLY C 164 -2.24 8.17 51.48
C GLY C 164 -2.94 8.61 50.21
N LYS C 165 -3.03 7.67 49.26
CA LYS C 165 -3.68 7.91 47.96
C LYS C 165 -4.86 6.96 47.75
N LYS C 166 -5.75 7.35 46.85
CA LYS C 166 -6.92 6.54 46.54
C LYS C 166 -7.18 6.54 45.04
N THR C 167 -7.72 5.44 44.53
CA THR C 167 -7.99 5.33 43.11
C THR C 167 -9.44 5.02 42.81
N ALA C 168 -9.82 5.24 41.56
CA ALA C 168 -11.18 4.99 41.12
C ALA C 168 -11.09 4.76 39.62
N LYS C 169 -12.03 3.97 39.07
CA LYS C 169 -12.01 3.70 37.64
C LYS C 169 -13.39 3.90 37.05
N THR C 170 -13.45 4.21 35.76
CA THR C 170 -14.73 4.47 35.12
C THR C 170 -14.81 4.00 33.66
N ASN C 171 -15.99 3.48 33.30
CA ASN C 171 -16.26 3.00 31.94
C ASN C 171 -16.63 4.19 31.06
N THR C 172 -16.86 5.33 31.69
CA THR C 172 -17.24 6.54 30.99
C THR C 172 -16.21 7.63 31.22
N ASN C 173 -16.64 8.88 31.16
CA ASN C 173 -15.72 10.00 31.35
C ASN C 173 -16.03 10.80 32.61
N GLU C 174 -16.55 10.12 33.62
CA GLU C 174 -16.88 10.78 34.87
C GLU C 174 -16.65 9.90 36.09
N PHE C 175 -16.26 10.51 37.20
CA PHE C 175 -16.03 9.80 38.45
C PHE C 175 -17.01 10.28 39.51
N LEU C 176 -17.44 9.37 40.37
CA LEU C 176 -18.36 9.72 41.45
C LEU C 176 -17.84 9.12 42.73
N ILE C 177 -17.01 9.87 43.46
CA ILE C 177 -16.45 9.36 44.69
C ILE C 177 -16.96 10.05 45.97
N ASP C 178 -16.73 9.40 47.10
CA ASP C 178 -17.14 9.90 48.41
C ASP C 178 -15.98 10.65 49.07
N VAL C 179 -16.20 11.91 49.42
CA VAL C 179 -15.16 12.70 50.05
C VAL C 179 -15.51 13.03 51.51
N ASP C 180 -14.49 13.23 52.33
CA ASP C 180 -14.72 13.59 53.73
C ASP C 180 -15.10 15.06 53.75
N LYS C 181 -16.31 15.36 54.19
CA LYS C 181 -16.81 16.73 54.25
C LYS C 181 -15.76 17.73 54.70
N GLY C 182 -15.82 18.93 54.13
CA GLY C 182 -14.86 19.96 54.49
C GLY C 182 -13.50 19.81 53.85
N GLU C 183 -12.72 18.87 54.36
CA GLU C 183 -11.35 18.60 53.87
C GLU C 183 -11.17 18.82 52.36
N ASN C 184 -9.98 19.31 51.99
CA ASN C 184 -9.63 19.59 50.61
C ASN C 184 -8.90 18.45 49.91
N TYR C 185 -9.23 18.25 48.63
CA TYR C 185 -8.65 17.18 47.80
C TYR C 185 -7.99 17.67 46.53
N CYS C 186 -7.23 16.78 45.91
CA CYS C 186 -6.58 17.07 44.63
C CYS C 186 -6.85 15.86 43.72
N PHE C 187 -6.85 16.08 42.41
CA PHE C 187 -7.14 15.00 41.48
C PHE C 187 -6.18 14.94 40.29
N SER C 188 -6.18 13.78 39.62
CA SER C 188 -5.34 13.55 38.47
C SER C 188 -5.81 12.29 37.75
N VAL C 189 -6.38 12.44 36.56
CA VAL C 189 -6.83 11.25 35.83
C VAL C 189 -5.80 10.74 34.83
N GLN C 190 -6.13 9.63 34.19
CA GLN C 190 -5.24 9.01 33.23
C GLN C 190 -6.01 8.02 32.36
N ALA C 191 -6.08 8.31 31.06
CA ALA C 191 -6.79 7.46 30.10
C ALA C 191 -6.11 6.11 30.00
N VAL C 192 -6.91 5.06 29.96
CA VAL C 192 -6.37 3.70 29.88
C VAL C 192 -7.22 2.80 28.99
N ILE C 193 -6.55 1.99 28.17
CA ILE C 193 -7.24 1.06 27.29
C ILE C 193 -6.71 -0.31 27.66
N PRO C 194 -7.28 -0.90 28.72
CA PRO C 194 -7.00 -2.20 29.34
C PRO C 194 -6.61 -3.36 28.45
N SER C 195 -7.34 -3.59 27.36
CA SER C 195 -7.02 -4.70 26.48
C SER C 195 -5.61 -4.61 25.91
N ARG C 196 -5.17 -3.39 25.60
CA ARG C 196 -3.86 -3.15 25.03
C ARG C 196 -2.64 -3.79 25.68
N THR C 197 -1.80 -4.38 24.81
CA THR C 197 -0.58 -5.04 25.22
C THR C 197 0.51 -3.99 25.40
N VAL C 198 0.55 -3.00 24.51
CA VAL C 198 1.52 -1.91 24.59
C VAL C 198 0.83 -0.56 24.54
N ASN C 199 1.38 0.42 25.26
CA ASN C 199 0.83 1.77 25.33
C ASN C 199 -0.64 1.71 25.76
N ARG C 200 -0.90 1.04 26.89
CA ARG C 200 -2.25 0.91 27.37
C ARG C 200 -2.62 2.00 28.36
N LYS C 201 -1.61 2.76 28.79
CA LYS C 201 -1.84 3.86 29.70
C LYS C 201 -1.24 5.18 29.18
N SER C 202 -2.01 6.25 29.30
CA SER C 202 -1.57 7.57 28.85
C SER C 202 -0.93 8.24 30.04
N THR C 203 -0.22 9.33 29.79
CA THR C 203 0.44 10.04 30.86
C THR C 203 -0.62 10.64 31.80
N ASP C 204 -0.18 11.09 32.98
CA ASP C 204 -1.08 11.69 33.96
C ASP C 204 -1.50 13.10 33.57
N SER C 205 -2.74 13.44 33.88
CA SER C 205 -3.27 14.77 33.58
C SER C 205 -2.71 15.75 34.61
N PRO C 206 -2.91 17.07 34.37
CA PRO C 206 -2.40 18.06 35.31
C PRO C 206 -3.21 17.90 36.60
N VAL C 207 -2.62 18.33 37.72
CA VAL C 207 -3.29 18.21 39.00
C VAL C 207 -4.28 19.34 39.27
N GLU C 208 -5.44 18.97 39.79
CA GLU C 208 -6.52 19.89 40.13
C GLU C 208 -7.00 19.67 41.56
N CYS C 209 -7.11 20.75 42.34
CA CYS C 209 -7.56 20.64 43.73
C CYS C 209 -8.79 21.51 44.01
N MET C 210 -9.70 21.01 44.85
CA MET C 210 -10.92 21.72 45.18
C MET C 210 -10.65 23.17 45.59
#